data_2RHA
#
_entry.id   2RHA
#
_cell.length_a   102.837
_cell.length_b   102.837
_cell.length_c   111.276
_cell.angle_alpha   90.000
_cell.angle_beta   90.000
_cell.angle_gamma   90.000
#
_symmetry.space_group_name_H-M   'P 43 21 2'
#
loop_
_entity.id
_entity.type
_entity.pdbx_description
1 polymer 'Transcriptional regulator, TetR family'
2 non-polymer 'CHLORIDE ION'
3 non-polymer 'SULFATE ION'
4 non-polymer GLYCEROL
5 water water
#
_entity_poly.entity_id   1
_entity_poly.type   'polypeptide(L)'
_entity_poly.pdbx_seq_one_letter_code
;G(MSE)SSDVQKGDNLETPGARDLLLQTASNI(MSE)REGDVVDISLSELSLRSGLNSALVKYYFGNKAGLLKALLDRD
(MSE)ENIVKSVDALLAKDD(MSE)SPEAKLRRHISKCIDTYYDYPYLNRLL(MSE)RLVRDSDEAEAKRIADQYLLPLH
RAYNRFIGEGVKAGVFRPINPQLFYFTVTGAADRFFSARLVLKHCFDQDTLTEQLRDSYREHTVDFI(MSE)AGILAH
;
_entity_poly.pdbx_strand_id   A
#
# COMPACT_ATOMS: atom_id res chain seq x y z
N ASN A 11 4.06 17.67 28.46
CA ASN A 11 3.05 16.67 27.93
C ASN A 11 3.36 15.19 28.29
N LEU A 12 2.32 14.51 28.74
CA LEU A 12 2.40 13.18 29.30
C LEU A 12 1.92 12.31 28.17
N GLU A 13 2.72 11.34 27.78
CA GLU A 13 2.39 10.57 26.59
C GLU A 13 1.30 9.56 26.95
N THR A 14 0.47 9.24 25.97
CA THR A 14 -0.56 8.19 26.10
C THR A 14 -0.30 7.16 25.00
N PRO A 15 0.46 6.08 25.33
CA PRO A 15 0.67 5.05 24.27
C PRO A 15 -0.61 4.44 23.69
N GLY A 16 -0.56 4.16 22.39
CA GLY A 16 -1.64 3.54 21.65
C GLY A 16 -2.61 4.49 20.95
N ALA A 17 -2.63 5.76 21.34
CA ALA A 17 -3.67 6.69 20.94
C ALA A 17 -3.49 7.10 19.52
N ARG A 18 -2.26 7.41 19.15
CA ARG A 18 -1.94 7.76 17.76
C ARG A 18 -2.30 6.65 16.77
N ASP A 19 -1.89 5.44 17.13
CA ASP A 19 -2.17 4.23 16.35
C ASP A 19 -3.66 3.97 16.21
N LEU A 20 -4.41 4.13 17.31
CA LEU A 20 -5.88 3.98 17.29
C LEU A 20 -6.54 4.95 16.33
N LEU A 21 -6.12 6.21 16.35
CA LEU A 21 -6.62 7.18 15.40
C LEU A 21 -6.35 6.76 13.95
N LEU A 22 -5.15 6.30 13.65
CA LEU A 22 -4.81 5.85 12.28
C LEU A 22 -5.59 4.58 11.87
N GLN A 23 -5.74 3.62 12.77
CA GLN A 23 -6.52 2.45 12.43
C GLN A 23 -7.99 2.76 12.28
N THR A 24 -8.51 3.65 13.11
CA THR A 24 -9.90 4.06 12.98
C THR A 24 -10.15 4.74 11.62
N ALA A 25 -9.28 5.68 11.21
CA ALA A 25 -9.37 6.30 9.90
C ALA A 25 -9.34 5.24 8.78
N SER A 26 -8.40 4.29 8.90
CA SER A 26 -8.29 3.18 7.95
C SER A 26 -9.58 2.37 7.84
N ASN A 27 -10.12 1.99 8.99
CA ASN A 27 -11.34 1.20 9.06
C ASN A 27 -12.55 1.92 8.47
N ILE A 28 -12.70 3.20 8.78
CA ILE A 28 -13.78 4.01 8.16
C ILE A 28 -13.68 3.96 6.63
N ARG A 30 -12.03 1.76 4.66
CA ARG A 30 -12.15 0.41 4.15
C ARG A 30 -13.60 -0.10 4.17
N GLU A 31 -14.29 0.11 5.30
CA GLU A 31 -15.70 -0.26 5.49
C GLU A 31 -16.63 0.57 4.63
N GLY A 32 -16.23 1.80 4.32
CA GLY A 32 -17.09 2.73 3.60
C GLY A 32 -16.88 2.78 2.10
N ASP A 33 -15.86 2.06 1.62
CA ASP A 33 -15.42 2.16 0.22
C ASP A 33 -15.15 3.63 -0.19
N VAL A 34 -14.50 4.36 0.71
CA VAL A 34 -14.15 5.75 0.48
C VAL A 34 -12.65 5.94 0.83
N VAL A 35 -12.13 7.10 0.43
CA VAL A 35 -10.76 7.52 0.73
C VAL A 35 -10.82 8.91 1.43
N ASP A 36 -11.86 9.13 2.21
CA ASP A 36 -12.01 10.38 2.96
C ASP A 36 -12.69 10.08 4.27
N ILE A 37 -12.44 10.92 5.27
CA ILE A 37 -13.05 10.80 6.56
C ILE A 37 -13.35 12.21 7.10
N SER A 38 -14.35 12.31 7.96
CA SER A 38 -14.51 13.51 8.75
C SER A 38 -13.86 13.27 10.12
N LEU A 39 -13.25 14.31 10.64
CA LEU A 39 -12.76 14.34 12.01
C LEU A 39 -13.83 14.04 13.04
N SER A 40 -15.08 14.40 12.77
CA SER A 40 -16.18 14.05 13.67
C SER A 40 -16.52 12.57 13.66
N GLU A 41 -16.54 11.92 12.51
CA GLU A 41 -16.71 10.46 12.52
C GLU A 41 -15.51 9.75 13.16
N LEU A 42 -14.31 10.31 13.00
CA LEU A 42 -13.10 9.72 13.57
C LEU A 42 -13.17 9.74 15.09
N SER A 43 -13.61 10.87 15.66
CA SER A 43 -13.87 11.01 17.09
C SER A 43 -14.95 10.09 17.61
N LEU A 44 -16.04 9.98 16.89
CA LEU A 44 -17.15 9.11 17.27
C LEU A 44 -16.73 7.66 17.24
N ARG A 45 -16.09 7.22 16.16
CA ARG A 45 -15.72 5.79 16.05
C ARG A 45 -14.58 5.39 17.02
N SER A 46 -13.61 6.28 17.25
CA SER A 46 -12.42 5.96 18.08
C SER A 46 -12.68 6.14 19.57
N GLY A 47 -13.65 7.03 19.85
CA GLY A 47 -13.93 7.44 21.17
C GLY A 47 -13.01 8.50 21.70
N LEU A 48 -12.13 9.06 20.86
CA LEU A 48 -11.15 10.06 21.30
C LEU A 48 -11.58 11.41 20.82
N ASN A 49 -11.19 12.46 21.55
CA ASN A 49 -11.70 13.77 21.21
C ASN A 49 -10.91 14.53 20.12
N SER A 50 -11.57 15.54 19.56
CA SER A 50 -11.04 16.38 18.46
C SER A 50 -9.59 16.83 18.62
N ALA A 51 -9.29 17.36 19.81
CA ALA A 51 -7.97 17.87 20.15
C ALA A 51 -6.84 16.86 19.94
N LEU A 52 -7.11 15.56 20.08
CA LEU A 52 -6.05 14.56 19.90
C LEU A 52 -5.55 14.46 18.48
N VAL A 53 -6.45 14.60 17.49
CA VAL A 53 -6.03 14.63 16.09
C VAL A 53 -5.07 15.78 15.88
N LYS A 54 -5.43 16.94 16.44
CA LYS A 54 -4.63 18.15 16.28
C LYS A 54 -3.30 17.93 16.99
N TYR A 55 -3.35 17.36 18.19
CA TYR A 55 -2.14 17.07 18.97
C TYR A 55 -1.21 16.14 18.20
N TYR A 56 -1.72 15.00 17.71
CA TYR A 56 -0.86 14.05 17.03
C TYR A 56 -0.46 14.44 15.58
N PHE A 57 -1.41 15.02 14.84
CA PHE A 57 -1.26 15.22 13.40
C PHE A 57 -1.38 16.66 12.86
N GLY A 58 -1.83 17.62 13.67
CA GLY A 58 -1.96 19.02 13.25
C GLY A 58 -3.33 19.29 12.64
N ASN A 59 -3.66 18.54 11.61
CA ASN A 59 -4.94 18.67 10.94
C ASN A 59 -5.20 17.40 10.16
N LYS A 60 -6.31 17.37 9.42
CA LYS A 60 -6.71 16.22 8.62
C LYS A 60 -5.65 15.78 7.57
N ALA A 61 -5.03 16.75 6.90
CA ALA A 61 -3.96 16.51 5.92
C ALA A 61 -2.78 15.81 6.59
N GLY A 62 -2.45 16.22 7.80
CA GLY A 62 -1.42 15.53 8.60
C GLY A 62 -1.76 14.09 8.96
N LEU A 63 -3.00 13.86 9.37
CA LEU A 63 -3.47 12.50 9.69
C LEU A 63 -3.42 11.59 8.43
N LEU A 64 -3.91 12.10 7.32
CA LEU A 64 -3.88 11.37 6.05
C LEU A 64 -2.46 11.04 5.59
N LYS A 65 -1.54 12.00 5.73
N LYS A 65 -1.54 12.00 5.73
CA LYS A 65 -0.13 11.76 5.42
CA LYS A 65 -0.13 11.76 5.42
C LYS A 65 0.50 10.72 6.36
C LYS A 65 0.47 10.69 6.36
N ALA A 66 0.15 10.76 7.65
CA ALA A 66 0.63 9.75 8.59
C ALA A 66 0.03 8.37 8.27
N LEU A 67 -1.22 8.34 7.83
CA LEU A 67 -1.89 7.10 7.42
C LEU A 67 -1.18 6.46 6.20
N LEU A 68 -0.85 7.30 5.22
CA LEU A 68 -0.09 6.88 4.02
C LEU A 68 1.26 6.32 4.39
N ASP A 69 1.99 7.06 5.23
CA ASP A 69 3.29 6.57 5.74
C ASP A 69 3.24 5.22 6.42
N ARG A 70 2.26 5.05 7.30
CA ARG A 70 2.06 3.80 7.99
C ARG A 70 1.70 2.61 7.08
N ASP A 71 0.72 2.83 6.21
CA ASP A 71 0.25 1.82 5.26
C ASP A 71 1.30 1.36 4.26
N GLU A 73 4.63 1.13 4.86
CA GLU A 73 5.81 0.55 5.50
C GLU A 73 6.20 -0.84 5.06
N ASN A 74 5.22 -1.74 4.93
CA ASN A 74 5.53 -3.10 4.52
C ASN A 74 5.96 -3.22 3.07
N ILE A 75 5.37 -2.42 2.19
CA ILE A 75 5.85 -2.39 0.81
C ILE A 75 7.26 -1.82 0.74
N VAL A 76 7.52 -0.70 1.40
CA VAL A 76 8.88 -0.13 1.46
C VAL A 76 9.91 -1.16 1.97
N LYS A 77 9.59 -1.87 3.04
CA LYS A 77 10.45 -2.93 3.54
C LYS A 77 10.64 -4.07 2.56
N SER A 78 9.59 -4.44 1.84
CA SER A 78 9.69 -5.49 0.85
C SER A 78 10.63 -5.10 -0.31
N VAL A 79 10.71 -3.83 -0.65
CA VAL A 79 11.60 -3.41 -1.75
C VAL A 79 13.03 -3.45 -1.23
N ASP A 80 13.25 -3.02 0.00
CA ASP A 80 14.56 -3.09 0.60
C ASP A 80 15.10 -4.54 0.73
N ALA A 81 14.21 -5.49 1.05
CA ALA A 81 14.55 -6.92 1.10
C ALA A 81 15.01 -7.49 -0.23
N LEU A 82 14.64 -6.84 -1.34
CA LEU A 82 15.05 -7.33 -2.67
C LEU A 82 16.57 -7.49 -2.78
N LEU A 83 17.33 -6.52 -2.28
CA LEU A 83 18.77 -6.52 -2.35
C LEU A 83 19.47 -7.16 -1.13
N ALA A 84 18.71 -7.69 -0.17
CA ALA A 84 19.29 -8.40 0.98
C ALA A 84 20.16 -9.60 0.57
N LYS A 85 21.27 -9.77 1.30
CA LYS A 85 22.15 -10.93 1.11
C LYS A 85 21.55 -12.09 1.90
N ASP A 86 20.58 -12.76 1.31
CA ASP A 86 19.99 -13.99 1.82
C ASP A 86 20.39 -15.03 0.77
N ASP A 87 19.83 -16.23 0.81
CA ASP A 87 20.20 -17.23 -0.18
C ASP A 87 19.10 -17.43 -1.21
N SER A 89 16.90 -16.79 -4.62
CA SER A 89 17.04 -16.43 -6.04
C SER A 89 16.27 -15.14 -6.35
N PRO A 90 16.55 -14.49 -7.50
CA PRO A 90 15.77 -13.32 -7.92
C PRO A 90 14.29 -13.64 -8.09
N GLU A 91 13.96 -14.82 -8.60
CA GLU A 91 12.58 -15.23 -8.73
C GLU A 91 11.86 -15.32 -7.37
N ALA A 92 12.52 -15.93 -6.37
CA ALA A 92 11.98 -16.09 -5.03
C ALA A 92 11.77 -14.75 -4.34
N LYS A 93 12.74 -13.85 -4.50
CA LYS A 93 12.69 -12.52 -3.91
C LYS A 93 11.55 -11.71 -4.48
N LEU A 94 11.39 -11.75 -5.81
CA LEU A 94 10.30 -11.04 -6.47
C LEU A 94 8.94 -11.60 -6.12
N ARG A 95 8.79 -12.93 -6.12
CA ARG A 95 7.51 -13.54 -5.67
C ARG A 95 7.10 -13.05 -4.28
N ARG A 96 8.07 -12.93 -3.38
CA ARG A 96 7.82 -12.43 -2.03
C ARG A 96 7.39 -10.94 -1.99
N HIS A 97 8.03 -10.13 -2.81
CA HIS A 97 7.69 -8.72 -2.92
C HIS A 97 6.25 -8.53 -3.46
N ILE A 98 5.89 -9.28 -4.50
CA ILE A 98 4.56 -9.19 -5.07
C ILE A 98 3.53 -9.64 -3.97
N SER A 99 3.82 -10.71 -3.24
CA SER A 99 2.93 -11.22 -2.15
C SER A 99 2.71 -10.17 -1.08
N LYS A 100 3.77 -9.44 -0.73
CA LYS A 100 3.67 -8.34 0.24
C LYS A 100 2.79 -7.21 -0.20
N CYS A 101 2.94 -6.81 -1.46
CA CYS A 101 2.11 -5.78 -2.03
C CYS A 101 0.66 -6.17 -1.94
N ILE A 102 0.36 -7.41 -2.29
CA ILE A 102 -1.01 -7.93 -2.33
C ILE A 102 -1.60 -7.91 -0.92
N ASP A 103 -0.85 -8.39 0.06
CA ASP A 103 -1.29 -8.40 1.45
C ASP A 103 -1.61 -6.96 1.93
N THR A 104 -0.79 -6.01 1.49
CA THR A 104 -1.03 -4.61 1.78
C THR A 104 -2.32 -4.04 1.23
N TYR A 105 -2.67 -4.37 -0.01
CA TYR A 105 -3.90 -3.91 -0.59
C TYR A 105 -5.12 -4.61 -0.07
N TYR A 106 -5.00 -5.85 0.41
CA TYR A 106 -6.06 -6.47 1.19
C TYR A 106 -6.43 -5.61 2.42
N ASP A 107 -5.42 -5.18 3.15
CA ASP A 107 -5.65 -4.37 4.35
C ASP A 107 -6.04 -2.94 4.03
N TYR A 108 -5.39 -2.35 3.03
CA TYR A 108 -5.53 -0.92 2.68
C TYR A 108 -5.82 -0.75 1.20
N PRO A 109 -7.03 -1.13 0.77
CA PRO A 109 -7.32 -1.13 -0.70
C PRO A 109 -7.35 0.27 -1.31
N TYR A 110 -7.58 1.27 -0.46
CA TYR A 110 -7.62 2.68 -0.79
C TYR A 110 -6.26 3.31 -0.98
N LEU A 111 -5.17 2.56 -0.81
CA LEU A 111 -3.84 3.14 -0.75
C LEU A 111 -3.36 3.95 -1.98
N ASN A 112 -3.65 3.49 -3.21
CA ASN A 112 -3.26 4.24 -4.42
C ASN A 112 -4.03 5.54 -4.54
N ARG A 113 -5.31 5.50 -4.24
CA ARG A 113 -6.18 6.66 -4.20
C ARG A 113 -5.77 7.66 -3.11
N LEU A 114 -5.36 7.15 -1.96
CA LEU A 114 -4.86 8.01 -0.89
C LEU A 114 -3.54 8.70 -1.31
N LEU A 115 -2.65 7.95 -1.93
CA LEU A 115 -1.44 8.56 -2.47
C LEU A 115 -1.77 9.68 -3.46
N ARG A 117 -4.55 11.50 -3.95
CA ARG A 117 -5.22 12.71 -3.42
C ARG A 117 -4.27 13.61 -2.65
N LEU A 118 -3.30 13.01 -1.95
CA LEU A 118 -2.27 13.75 -1.23
C LEU A 118 -1.28 14.42 -2.18
N VAL A 119 -0.91 13.76 -3.27
CA VAL A 119 -0.13 14.45 -4.33
C VAL A 119 -0.93 15.62 -4.94
N ARG A 120 -2.16 15.35 -5.30
CA ARG A 120 -3.04 16.34 -5.87
C ARG A 120 -3.27 17.56 -4.99
N ASP A 121 -3.44 17.35 -3.69
CA ASP A 121 -3.90 18.42 -2.79
C ASP A 121 -2.83 19.09 -1.98
N SER A 122 -1.67 18.45 -1.79
CA SER A 122 -0.59 19.12 -1.01
C SER A 122 0.07 20.29 -1.77
N ASP A 123 0.71 21.19 -1.02
N ASP A 123 0.75 21.17 -1.02
CA ASP A 123 1.57 22.20 -1.63
CA ASP A 123 1.61 22.17 -1.63
C ASP A 123 2.62 21.46 -2.46
C ASP A 123 2.65 21.44 -2.46
N GLU A 124 3.20 22.16 -3.44
CA GLU A 124 4.07 21.54 -4.43
C GLU A 124 5.26 20.79 -3.84
N ALA A 125 5.93 21.40 -2.89
CA ALA A 125 7.16 20.85 -2.32
C ALA A 125 6.86 19.54 -1.65
N GLU A 126 5.78 19.52 -0.89
CA GLU A 126 5.31 18.35 -0.18
C GLU A 126 4.75 17.27 -1.12
N ALA A 127 3.98 17.66 -2.15
CA ALA A 127 3.49 16.76 -3.17
C ALA A 127 4.65 16.04 -3.88
N LYS A 128 5.72 16.77 -4.17
CA LYS A 128 6.95 16.23 -4.73
C LYS A 128 7.66 15.22 -3.81
N ARG A 129 7.68 15.49 -2.51
N ARG A 129 7.72 15.54 -2.51
CA ARG A 129 8.32 14.57 -1.56
CA ARG A 129 8.24 14.63 -1.48
C ARG A 129 7.55 13.26 -1.47
C ARG A 129 7.55 13.29 -1.56
N ILE A 130 6.22 13.35 -1.45
CA ILE A 130 5.37 12.20 -1.41
C ILE A 130 5.47 11.39 -2.70
N ALA A 131 5.32 12.05 -3.84
CA ALA A 131 5.44 11.39 -5.14
C ALA A 131 6.81 10.72 -5.26
N ASP A 132 7.87 11.45 -4.93
CA ASP A 132 9.24 10.91 -5.03
C ASP A 132 9.48 9.71 -4.13
N GLN A 133 8.80 9.66 -2.99
CA GLN A 133 8.97 8.58 -2.06
C GLN A 133 8.15 7.33 -2.45
N TYR A 134 6.93 7.51 -2.95
CA TYR A 134 6.00 6.38 -3.00
C TYR A 134 5.47 5.97 -4.39
N LEU A 135 5.75 6.73 -5.45
CA LEU A 135 5.29 6.31 -6.80
C LEU A 135 5.90 4.99 -7.24
N LEU A 136 7.23 4.91 -7.12
CA LEU A 136 7.94 3.65 -7.12
C LEU A 136 8.79 3.64 -5.82
N PRO A 137 8.34 2.92 -4.80
CA PRO A 137 9.07 2.90 -3.54
C PRO A 137 10.55 2.43 -3.67
N LEU A 138 11.44 3.13 -2.96
CA LEU A 138 12.91 2.92 -2.98
C LEU A 138 13.37 2.61 -4.39
N HIS A 139 13.15 3.55 -5.30
CA HIS A 139 13.26 3.27 -6.73
C HIS A 139 14.66 2.83 -7.16
N ARG A 140 15.70 3.36 -6.51
CA ARG A 140 17.08 2.99 -6.82
C ARG A 140 17.32 1.51 -6.56
N ALA A 141 16.85 1.02 -5.41
CA ALA A 141 16.89 -0.41 -5.07
C ALA A 141 16.08 -1.25 -6.07
N TYR A 142 14.84 -0.80 -6.36
CA TYR A 142 13.93 -1.52 -7.25
C TYR A 142 14.55 -1.66 -8.65
N ASN A 143 15.03 -0.54 -9.19
CA ASN A 143 15.69 -0.52 -10.49
C ASN A 143 16.93 -1.42 -10.54
N ARG A 144 17.73 -1.41 -9.46
N ARG A 144 17.75 -1.39 -9.47
CA ARG A 144 18.96 -2.21 -9.39
CA ARG A 144 18.95 -2.23 -9.40
C ARG A 144 18.66 -3.71 -9.34
C ARG A 144 18.59 -3.70 -9.42
N PHE A 145 17.62 -4.08 -8.60
CA PHE A 145 17.20 -5.48 -8.52
C PHE A 145 16.70 -6.01 -9.84
N ILE A 146 15.86 -5.24 -10.54
CA ILE A 146 15.35 -5.65 -11.83
C ILE A 146 16.44 -5.73 -12.88
N GLY A 147 17.26 -4.68 -12.98
CA GLY A 147 18.43 -4.66 -13.83
C GLY A 147 19.37 -5.84 -13.67
N GLU A 148 19.69 -6.17 -12.41
N GLU A 148 19.66 -6.24 -12.43
CA GLU A 148 20.51 -7.34 -12.08
CA GLU A 148 20.55 -7.35 -12.18
C GLU A 148 19.87 -8.60 -12.66
C GLU A 148 19.89 -8.71 -12.46
N GLY A 149 18.56 -8.73 -12.47
CA GLY A 149 17.83 -9.92 -12.92
C GLY A 149 17.80 -10.06 -14.43
N VAL A 150 17.74 -8.93 -15.12
CA VAL A 150 17.82 -8.89 -16.57
C VAL A 150 19.20 -9.35 -17.05
N LYS A 151 20.24 -8.74 -16.49
CA LYS A 151 21.61 -9.13 -16.78
C LYS A 151 21.92 -10.59 -16.50
N ALA A 152 21.30 -11.17 -15.47
CA ALA A 152 21.50 -12.58 -15.16
C ALA A 152 20.66 -13.52 -16.07
N GLY A 153 19.84 -12.96 -16.96
CA GLY A 153 18.97 -13.76 -17.86
C GLY A 153 17.69 -14.32 -17.22
N VAL A 154 17.37 -13.86 -16.01
CA VAL A 154 16.20 -14.34 -15.25
C VAL A 154 14.93 -13.57 -15.68
N PHE A 155 15.05 -12.25 -15.85
CA PHE A 155 13.92 -11.38 -16.22
C PHE A 155 14.07 -10.85 -17.61
N ARG A 156 12.96 -10.72 -18.34
CA ARG A 156 12.98 -9.93 -19.55
C ARG A 156 13.05 -8.44 -19.24
N PRO A 157 13.57 -7.63 -20.18
CA PRO A 157 13.60 -6.19 -19.96
C PRO A 157 12.20 -5.61 -19.74
N ILE A 158 12.02 -4.89 -18.64
CA ILE A 158 10.75 -4.31 -18.23
C ILE A 158 11.03 -3.00 -17.50
N ASN A 159 10.01 -2.13 -17.47
CA ASN A 159 10.12 -0.88 -16.78
C ASN A 159 9.63 -1.14 -15.33
N PRO A 160 10.50 -0.96 -14.34
CA PRO A 160 10.08 -1.22 -12.95
C PRO A 160 8.84 -0.44 -12.50
N GLN A 161 8.75 0.84 -12.87
CA GLN A 161 7.58 1.63 -12.51
C GLN A 161 6.28 1.04 -13.04
N LEU A 162 6.28 0.63 -14.32
CA LEU A 162 5.11 -0.08 -14.91
C LEU A 162 4.81 -1.38 -14.24
N PHE A 163 5.85 -2.13 -13.92
CA PHE A 163 5.66 -3.40 -13.23
C PHE A 163 4.96 -3.18 -11.86
N TYR A 164 5.45 -2.22 -11.08
CA TYR A 164 4.87 -1.89 -9.79
C TYR A 164 3.42 -1.41 -9.91
N PHE A 165 3.14 -0.58 -10.89
CA PHE A 165 1.75 -0.16 -11.23
C PHE A 165 0.82 -1.29 -11.57
N THR A 166 1.38 -2.28 -12.27
CA THR A 166 0.65 -3.47 -12.63
C THR A 166 0.32 -4.30 -11.41
N VAL A 167 1.30 -4.57 -10.57
CA VAL A 167 1.01 -5.35 -9.35
C VAL A 167 -0.03 -4.65 -8.45
N THR A 168 0.22 -3.37 -8.19
CA THR A 168 -0.57 -2.63 -7.21
C THR A 168 -1.93 -2.26 -7.75
N GLY A 169 -1.99 -1.97 -9.06
CA GLY A 169 -3.25 -1.74 -9.73
C GLY A 169 -4.16 -2.93 -9.73
N ALA A 170 -3.59 -4.09 -10.02
CA ALA A 170 -4.34 -5.34 -10.01
C ALA A 170 -4.91 -5.64 -8.64
N ALA A 171 -4.07 -5.59 -7.57
CA ALA A 171 -4.54 -5.94 -6.21
C ALA A 171 -5.66 -4.95 -5.74
N ASP A 172 -5.46 -3.67 -6.07
CA ASP A 172 -6.41 -2.59 -5.75
C ASP A 172 -7.76 -2.88 -6.40
N ARG A 173 -7.74 -3.17 -7.69
CA ARG A 173 -8.96 -3.54 -8.40
C ARG A 173 -9.71 -4.68 -7.75
N PHE A 174 -9.00 -5.75 -7.53
CA PHE A 174 -9.61 -6.94 -6.93
C PHE A 174 -10.21 -6.66 -5.56
N PHE A 175 -9.39 -6.18 -4.63
CA PHE A 175 -9.89 -6.05 -3.26
C PHE A 175 -10.94 -4.96 -3.16
N SER A 176 -10.77 -3.87 -3.89
CA SER A 176 -11.77 -2.81 -3.89
C SER A 176 -13.11 -3.29 -4.42
N ALA A 177 -13.09 -4.05 -5.52
CA ALA A 177 -14.31 -4.65 -6.05
C ALA A 177 -14.95 -5.62 -5.07
N ARG A 178 -14.16 -6.53 -4.52
CA ARG A 178 -14.71 -7.52 -3.62
C ARG A 178 -15.34 -6.90 -2.35
N LEU A 179 -14.73 -5.82 -1.83
CA LEU A 179 -15.27 -5.11 -0.69
C LEU A 179 -16.53 -4.35 -1.05
N VAL A 180 -16.60 -3.72 -2.21
CA VAL A 180 -17.82 -3.04 -2.63
C VAL A 180 -18.99 -4.06 -2.73
N LEU A 181 -18.71 -5.25 -3.26
CA LEU A 181 -19.75 -6.28 -3.44
C LEU A 181 -20.16 -6.84 -2.11
N LYS A 182 -19.18 -7.06 -1.23
CA LYS A 182 -19.49 -7.45 0.14
C LYS A 182 -20.41 -6.44 0.80
N HIS A 183 -20.09 -5.16 0.73
CA HIS A 183 -20.89 -4.15 1.40
C HIS A 183 -22.27 -3.91 0.78
N CYS A 184 -22.44 -4.14 -0.52
CA CYS A 184 -23.70 -3.90 -1.21
C CYS A 184 -24.67 -5.05 -1.23
N PHE A 185 -24.15 -6.27 -1.33
CA PHE A 185 -24.96 -7.47 -1.52
C PHE A 185 -24.76 -8.52 -0.41
N ASP A 186 -23.95 -8.16 0.59
N ASP A 186 -24.05 -8.16 0.67
CA ASP A 186 -23.55 -9.09 1.66
CA ASP A 186 -23.63 -9.15 1.70
C ASP A 186 -23.10 -10.42 1.07
C ASP A 186 -23.07 -10.46 1.10
N GLN A 187 -22.15 -10.28 0.14
CA GLN A 187 -21.40 -11.38 -0.47
C GLN A 187 -20.05 -11.43 0.19
N ASP A 188 -20.00 -11.75 1.49
CA ASP A 188 -18.70 -12.00 2.15
C ASP A 188 -17.98 -13.17 1.43
N THR A 189 -17.04 -12.80 0.58
CA THR A 189 -16.28 -13.76 -0.18
C THR A 189 -14.79 -13.79 0.19
N LEU A 190 -14.28 -12.78 0.94
CA LEU A 190 -12.84 -12.69 1.22
C LEU A 190 -12.34 -13.70 2.30
N THR A 191 -12.71 -14.95 2.05
CA THR A 191 -12.24 -16.09 2.79
C THR A 191 -10.73 -16.34 2.60
N GLU A 192 -10.10 -16.91 3.63
CA GLU A 192 -8.70 -17.32 3.57
C GLU A 192 -8.43 -18.16 2.32
N GLN A 193 -9.32 -19.09 1.97
CA GLN A 193 -9.19 -19.91 0.73
C GLN A 193 -9.24 -19.06 -0.58
N LEU A 194 -10.16 -18.09 -0.66
CA LEU A 194 -10.21 -17.18 -1.81
C LEU A 194 -8.94 -16.29 -1.89
N ARG A 195 -8.58 -15.63 -0.80
CA ARG A 195 -7.42 -14.73 -0.81
C ARG A 195 -6.09 -15.46 -1.12
N ASP A 196 -5.96 -16.70 -0.72
CA ASP A 196 -4.78 -17.46 -1.01
C ASP A 196 -4.81 -17.88 -2.46
N SER A 197 -6.00 -18.16 -2.98
CA SER A 197 -6.11 -18.48 -4.38
C SER A 197 -5.74 -17.22 -5.21
N TYR A 198 -6.18 -16.05 -4.76
CA TYR A 198 -5.97 -14.77 -5.44
C TYR A 198 -4.45 -14.48 -5.51
N ARG A 199 -3.78 -14.57 -4.37
N ARG A 199 -3.79 -14.56 -4.35
CA ARG A 199 -2.35 -14.28 -4.27
CA ARG A 199 -2.33 -14.40 -4.22
C ARG A 199 -1.54 -15.24 -5.17
C ARG A 199 -1.62 -15.24 -5.24
N GLU A 200 -1.91 -16.53 -5.19
CA GLU A 200 -1.22 -17.49 -5.99
C GLU A 200 -1.41 -17.24 -7.47
N HIS A 201 -2.65 -17.07 -7.90
CA HIS A 201 -2.92 -16.74 -9.30
C HIS A 201 -2.23 -15.48 -9.75
N THR A 202 -2.27 -14.46 -8.92
CA THR A 202 -1.74 -13.15 -9.28
C THR A 202 -0.18 -13.14 -9.29
N VAL A 203 0.45 -13.74 -8.28
CA VAL A 203 1.90 -13.96 -8.30
C VAL A 203 2.33 -14.74 -9.54
N ASP A 204 1.62 -15.82 -9.88
CA ASP A 204 1.93 -16.59 -11.09
C ASP A 204 1.82 -15.79 -12.38
N PHE A 205 0.74 -15.02 -12.51
CA PHE A 205 0.51 -14.19 -13.70
C PHE A 205 1.63 -13.15 -13.85
N ILE A 206 1.92 -12.43 -12.78
CA ILE A 206 2.90 -11.37 -12.81
C ILE A 206 4.28 -11.92 -13.08
N ALA A 208 4.99 -14.72 -14.76
CA ALA A 208 4.95 -15.14 -16.18
C ALA A 208 5.19 -13.93 -17.09
N GLY A 209 4.64 -12.80 -16.69
CA GLY A 209 4.90 -11.53 -17.34
C GLY A 209 6.36 -11.12 -17.39
N ILE A 210 7.14 -11.45 -16.36
CA ILE A 210 8.52 -10.91 -16.26
C ILE A 210 9.65 -11.95 -16.57
N LEU A 211 9.41 -13.24 -16.28
CA LEU A 211 10.44 -14.25 -16.43
C LEU A 211 10.89 -14.45 -17.90
N ALA A 212 12.19 -14.47 -18.13
CA ALA A 212 12.78 -14.70 -19.47
C ALA A 212 12.52 -16.11 -19.98
N HIS A 213 12.49 -16.22 -21.31
CA HIS A 213 12.18 -17.48 -22.10
C HIS A 213 10.89 -18.18 -21.62
#